data_1D1E
#
_entry.id   1D1E
#
_cell.length_a   1.000
_cell.length_b   1.000
_cell.length_c   1.000
_cell.angle_alpha   90.00
_cell.angle_beta   90.00
_cell.angle_gamma   90.00
#
_symmetry.space_group_name_H-M   'P 1'
#
_entity_poly.entity_id   1
_entity_poly.type   'polypeptide(L)'
_entity_poly.pdbx_seq_one_letter_code
;(ACE)RHYKNLIERQRY(NH2)
;
_entity_poly.pdbx_strand_id   A
#
# COMPACT_ATOMS: atom_id res chain seq x y z
N ARG A 2 -12.74 -2.04 1.98
CA ARG A 2 -11.98 -2.41 3.21
C ARG A 2 -10.62 -1.72 3.13
N HIS A 3 -10.70 -0.49 2.70
CA HIS A 3 -9.49 0.39 2.53
C HIS A 3 -8.70 -0.13 1.34
N TYR A 4 -7.64 0.56 1.05
CA TYR A 4 -6.76 0.18 -0.07
C TYR A 4 -5.42 0.06 0.63
N LYS A 5 -4.83 -1.11 0.63
CA LYS A 5 -3.51 -1.25 1.34
C LYS A 5 -2.39 -0.72 0.44
N ASN A 6 -2.79 -0.29 -0.73
CA ASN A 6 -1.86 0.28 -1.76
C ASN A 6 -0.71 1.02 -1.09
N LEU A 7 -1.14 1.89 -0.22
CA LEU A 7 -0.23 2.76 0.61
C LEU A 7 1.09 2.08 0.95
N ILE A 8 0.96 0.85 1.36
CA ILE A 8 2.15 0.04 1.74
C ILE A 8 2.50 -0.86 0.56
N GLU A 9 1.46 -1.41 0.00
CA GLU A 9 1.59 -2.33 -1.18
C GLU A 9 2.61 -1.79 -2.19
N ARG A 10 2.69 -0.48 -2.27
CA ARG A 10 3.64 0.18 -3.22
C ARG A 10 4.92 0.62 -2.54
N GLN A 11 4.83 1.14 -1.35
CA GLN A 11 6.09 1.59 -0.63
C GLN A 11 7.04 0.42 -0.45
N ARG A 12 6.48 -0.76 -0.44
CA ARG A 12 7.35 -1.96 -0.26
C ARG A 12 7.79 -2.41 -1.66
N TYR A 13 7.67 -1.51 -2.59
CA TYR A 13 8.04 -1.77 -3.99
C TYR A 13 8.86 -0.55 -4.46
N ARG A 2 -1.85 3.18 7.91
CA ARG A 2 -2.01 2.52 6.58
C ARG A 2 -3.49 2.34 6.22
N HIS A 3 -4.16 3.45 6.15
CA HIS A 3 -5.62 3.50 5.81
C HIS A 3 -6.14 2.42 4.82
N TYR A 4 -5.43 2.25 3.74
CA TYR A 4 -5.80 1.25 2.69
C TYR A 4 -4.67 0.25 2.47
N LYS A 5 -4.75 -0.44 1.37
CA LYS A 5 -3.73 -1.46 1.00
C LYS A 5 -2.60 -0.77 0.22
N ASN A 6 -2.86 -0.38 -1.02
CA ASN A 6 -1.82 0.33 -1.87
C ASN A 6 -0.70 1.03 -1.11
N LEU A 7 -1.16 1.85 -0.20
CA LEU A 7 -0.28 2.67 0.69
C LEU A 7 1.05 1.99 1.02
N ILE A 8 0.93 0.73 1.36
CA ILE A 8 2.15 -0.06 1.72
C ILE A 8 2.58 -0.90 0.53
N GLU A 9 1.60 -1.56 0.00
CA GLU A 9 1.80 -2.48 -1.18
C GLU A 9 2.69 -1.81 -2.25
N ARG A 10 2.66 -0.50 -2.25
CA ARG A 10 3.47 0.30 -3.22
C ARG A 10 4.76 0.89 -2.60
N GLN A 11 4.83 1.05 -1.30
CA GLN A 11 6.09 1.63 -0.70
C GLN A 11 7.14 0.52 -0.69
N ARG A 12 6.74 -0.64 -0.24
CA ARG A 12 7.72 -1.76 -0.20
C ARG A 12 7.44 -2.66 -1.41
N TYR A 13 7.65 -2.04 -2.52
CA TYR A 13 7.45 -2.69 -3.85
C TYR A 13 8.78 -2.55 -4.62
N ARG A 2 -14.80 -3.25 1.05
CA ARG A 2 -13.43 -3.82 0.89
C ARG A 2 -12.48 -2.63 0.96
N HIS A 3 -11.45 -2.76 1.75
CA HIS A 3 -10.46 -1.65 1.89
C HIS A 3 -9.28 -1.84 0.92
N TYR A 4 -8.35 -0.92 0.94
CA TYR A 4 -7.17 -0.95 0.05
C TYR A 4 -5.89 -0.76 0.87
N LYS A 5 -4.91 -1.56 0.57
CA LYS A 5 -3.59 -1.50 1.27
C LYS A 5 -2.53 -0.74 0.45
N ASN A 6 -2.87 -0.41 -0.77
CA ASN A 6 -1.96 0.32 -1.71
C ASN A 6 -0.81 1.08 -1.05
N LEU A 7 -1.18 2.08 -0.31
CA LEU A 7 -0.24 2.97 0.44
C LEU A 7 1.09 2.31 0.87
N ILE A 8 0.96 1.09 1.32
CA ILE A 8 2.14 0.30 1.79
C ILE A 8 2.59 -0.69 0.72
N GLU A 9 1.60 -1.23 0.09
CA GLU A 9 1.83 -2.22 -1.00
C GLU A 9 2.73 -1.62 -2.08
N ARG A 10 2.64 -0.33 -2.25
CA ARG A 10 3.47 0.36 -3.28
C ARG A 10 4.70 1.00 -2.59
N GLN A 11 4.83 0.73 -1.33
CA GLN A 11 5.97 1.25 -0.49
C GLN A 11 7.06 0.16 -0.53
N ARG A 12 6.62 -1.05 -0.34
CA ARG A 12 7.55 -2.23 -0.35
C ARG A 12 8.00 -2.52 -1.81
N TYR A 13 7.34 -1.85 -2.71
CA TYR A 13 7.61 -1.94 -4.18
C TYR A 13 7.76 -0.52 -4.72
N ARG A 2 -4.96 7.21 8.10
CA ARG A 2 -5.04 7.00 6.61
C ARG A 2 -4.35 5.67 6.26
N HIS A 3 -4.95 4.58 6.67
CA HIS A 3 -4.37 3.24 6.40
C HIS A 3 -5.21 2.36 5.44
N TYR A 4 -4.63 2.13 4.29
CA TYR A 4 -5.26 1.31 3.20
C TYR A 4 -4.26 0.19 2.87
N LYS A 5 -4.44 -0.39 1.71
CA LYS A 5 -3.54 -1.49 1.24
C LYS A 5 -2.47 -0.85 0.33
N ASN A 6 -2.88 -0.42 -0.86
CA ASN A 6 -1.93 0.23 -1.84
C ASN A 6 -0.76 0.97 -1.22
N LEU A 7 -1.13 1.87 -0.34
CA LEU A 7 -0.14 2.71 0.39
C LEU A 7 1.13 1.94 0.75
N ILE A 8 0.90 0.76 1.26
CA ILE A 8 2.02 -0.12 1.69
C ILE A 8 2.50 -0.95 0.49
N GLU A 9 1.49 -1.45 -0.17
CA GLU A 9 1.68 -2.29 -1.38
C GLU A 9 2.68 -1.69 -2.36
N ARG A 10 2.74 -0.38 -2.36
CA ARG A 10 3.68 0.31 -3.28
C ARG A 10 4.93 0.67 -2.49
N GLN A 11 4.73 1.17 -1.30
CA GLN A 11 5.85 1.57 -0.39
C GLN A 11 6.95 0.49 -0.32
N ARG A 12 6.52 -0.74 -0.22
CA ARG A 12 7.50 -1.88 -0.15
C ARG A 12 7.73 -2.53 -1.52
N TYR A 13 7.52 -1.75 -2.54
CA TYR A 13 7.70 -2.24 -3.95
C TYR A 13 8.63 -1.22 -4.61
N ARG A 2 -6.21 2.37 9.58
CA ARG A 2 -6.45 3.75 9.03
C ARG A 2 -5.74 3.90 7.69
N HIS A 3 -5.45 2.78 7.07
CA HIS A 3 -4.75 2.77 5.75
C HIS A 3 -5.46 1.82 4.78
N TYR A 4 -4.98 1.86 3.56
CA TYR A 4 -5.51 1.02 2.45
C TYR A 4 -4.26 0.36 1.82
N LYS A 5 -4.39 -0.91 1.59
CA LYS A 5 -3.31 -1.77 0.99
C LYS A 5 -2.27 -0.95 0.21
N ASN A 6 -2.78 -0.40 -0.86
CA ASN A 6 -1.99 0.46 -1.80
C ASN A 6 -0.84 1.23 -1.15
N LEU A 7 -1.24 2.05 -0.22
CA LEU A 7 -0.30 2.91 0.57
C LEU A 7 1.00 2.21 0.96
N ILE A 8 0.83 0.96 1.27
CA ILE A 8 1.98 0.10 1.70
C ILE A 8 2.50 -0.80 0.58
N GLU A 9 1.57 -1.38 -0.09
CA GLU A 9 1.92 -2.30 -1.21
C GLU A 9 2.78 -1.62 -2.26
N ARG A 10 2.66 -0.33 -2.39
CA ARG A 10 3.50 0.38 -3.40
C ARG A 10 4.74 0.96 -2.75
N GLN A 11 4.80 0.86 -1.45
CA GLN A 11 5.93 1.37 -0.64
C GLN A 11 6.97 0.24 -0.47
N ARG A 12 6.46 -0.92 -0.20
CA ARG A 12 7.32 -2.14 0.01
C ARG A 12 7.85 -2.68 -1.33
N TYR A 13 7.23 -2.21 -2.37
CA TYR A 13 7.60 -2.63 -3.76
C TYR A 13 8.11 -1.40 -4.51
N ARG A 2 -6.00 4.33 5.49
CA ARG A 2 -6.52 5.74 5.30
C ARG A 2 -7.28 5.77 3.97
N HIS A 3 -6.69 5.14 2.98
CA HIS A 3 -7.29 5.07 1.62
C HIS A 3 -7.42 3.60 1.18
N TYR A 4 -6.31 2.99 0.85
CA TYR A 4 -6.29 1.58 0.40
C TYR A 4 -5.08 0.92 1.05
N LYS A 5 -4.98 -0.37 0.85
CA LYS A 5 -3.85 -1.18 1.40
C LYS A 5 -2.62 -0.73 0.61
N ASN A 6 -2.83 -0.64 -0.68
CA ASN A 6 -1.81 -0.22 -1.69
C ASN A 6 -0.72 0.64 -1.08
N LEU A 7 -1.15 1.63 -0.35
CA LEU A 7 -0.22 2.59 0.35
C LEU A 7 1.08 1.87 0.75
N ILE A 8 0.90 0.73 1.37
CA ILE A 8 2.09 -0.07 1.82
C ILE A 8 2.64 -0.72 0.56
N GLU A 9 1.81 -1.51 -0.03
CA GLU A 9 2.07 -2.29 -1.29
C GLU A 9 2.91 -1.52 -2.32
N ARG A 10 2.83 -0.22 -2.23
CA ARG A 10 3.57 0.70 -3.15
C ARG A 10 4.94 1.10 -2.59
N GLN A 11 5.01 1.27 -1.30
CA GLN A 11 6.29 1.64 -0.64
C GLN A 11 7.14 0.36 -0.61
N ARG A 12 6.50 -0.73 -0.29
CA ARG A 12 7.19 -2.05 -0.23
C ARG A 12 6.94 -2.74 -1.58
N TYR A 13 7.33 -2.01 -2.58
CA TYR A 13 7.20 -2.48 -4.00
C TYR A 13 8.62 -2.60 -4.57
N ARG A 2 -9.11 5.21 4.39
CA ARG A 2 -9.89 5.73 3.23
C ARG A 2 -9.54 4.97 1.94
N HIS A 3 -8.26 4.88 1.72
CA HIS A 3 -7.74 4.18 0.51
C HIS A 3 -7.42 2.73 0.90
N TYR A 4 -6.84 1.98 0.01
CA TYR A 4 -6.53 0.57 0.32
C TYR A 4 -5.01 0.35 0.44
N LYS A 5 -4.76 -0.90 0.74
CA LYS A 5 -3.41 -1.51 0.93
C LYS A 5 -2.26 -0.74 0.28
N ASN A 6 -2.55 -0.31 -0.91
CA ASN A 6 -1.64 0.48 -1.80
C ASN A 6 -0.54 1.17 -1.02
N LEU A 7 -0.94 2.05 -0.16
CA LEU A 7 0.01 2.82 0.69
C LEU A 7 1.29 2.03 1.01
N ILE A 8 1.08 0.80 1.40
CA ILE A 8 2.22 -0.09 1.76
C ILE A 8 2.55 -1.02 0.61
N GLU A 9 1.51 -1.58 0.07
CA GLU A 9 1.66 -2.52 -1.08
C GLU A 9 2.47 -1.88 -2.22
N ARG A 10 2.53 -0.58 -2.19
CA ARG A 10 3.28 0.20 -3.21
C ARG A 10 4.62 0.61 -2.60
N GLN A 11 4.56 1.22 -1.45
CA GLN A 11 5.81 1.67 -0.74
C GLN A 11 6.83 0.53 -0.66
N ARG A 12 6.43 -0.63 -0.21
CA ARG A 12 7.41 -1.77 -0.12
C ARG A 12 7.57 -2.48 -1.48
N TYR A 13 7.56 -1.68 -2.49
CA TYR A 13 7.74 -2.16 -3.89
C TYR A 13 8.67 -1.10 -4.43
N ARG A 2 -13.09 0.93 3.14
CA ARG A 2 -11.79 1.25 3.81
C ARG A 2 -10.72 0.27 3.31
N HIS A 3 -10.42 0.32 2.04
CA HIS A 3 -9.40 -0.59 1.43
C HIS A 3 -8.30 0.21 0.66
N TYR A 4 -7.21 0.55 1.30
CA TYR A 4 -6.11 1.31 0.58
C TYR A 4 -4.69 0.70 0.60
N LYS A 5 -4.66 -0.61 0.63
CA LYS A 5 -3.39 -1.43 0.64
C LYS A 5 -2.15 -0.72 0.10
N ASN A 6 -2.35 -0.14 -1.07
CA ASN A 6 -1.34 0.62 -1.85
C ASN A 6 -0.32 1.31 -0.96
N LEU A 7 -0.84 1.96 0.03
CA LEU A 7 0.01 2.70 1.01
C LEU A 7 1.28 1.93 1.31
N ILE A 8 1.07 0.67 1.58
CA ILE A 8 2.18 -0.25 1.91
C ILE A 8 2.49 -1.07 0.68
N GLU A 9 1.47 -1.72 0.22
CA GLU A 9 1.55 -2.61 -1.00
C GLU A 9 2.37 -2.02 -2.14
N ARG A 10 2.40 -0.72 -2.22
CA ARG A 10 3.17 -0.05 -3.30
C ARG A 10 4.51 0.36 -2.69
N GLN A 11 4.43 1.20 -1.69
CA GLN A 11 5.63 1.71 -0.95
C GLN A 11 6.72 0.63 -0.88
N ARG A 12 6.27 -0.48 -0.34
CA ARG A 12 7.10 -1.72 -0.13
C ARG A 12 8.11 -2.04 -1.23
N TYR A 13 7.84 -1.54 -2.38
CA TYR A 13 8.74 -1.76 -3.55
C TYR A 13 9.92 -0.79 -3.43
N ARG A 2 -13.69 -5.32 1.78
CA ARG A 2 -12.25 -5.33 1.45
C ARG A 2 -11.89 -3.96 0.93
N HIS A 3 -10.76 -3.52 1.38
CA HIS A 3 -10.22 -2.19 1.00
C HIS A 3 -8.88 -2.43 0.30
N TYR A 4 -8.18 -1.38 -0.01
CA TYR A 4 -6.88 -1.52 -0.70
C TYR A 4 -5.86 -1.04 0.31
N LYS A 5 -4.77 -1.73 0.34
CA LYS A 5 -3.62 -1.43 1.25
C LYS A 5 -2.53 -0.68 0.46
N ASN A 6 -2.89 -0.30 -0.74
CA ASN A 6 -1.98 0.45 -1.69
C ASN A 6 -0.82 1.18 -1.03
N LEU A 7 -1.21 2.14 -0.24
CA LEU A 7 -0.27 3.00 0.53
C LEU A 7 1.01 2.27 0.95
N ILE A 8 0.82 1.05 1.38
CA ILE A 8 1.96 0.20 1.84
C ILE A 8 2.32 -0.76 0.71
N GLU A 9 1.29 -1.24 0.08
CA GLU A 9 1.43 -2.22 -1.06
C GLU A 9 2.50 -1.75 -2.03
N ARG A 10 2.60 -0.46 -2.19
CA ARG A 10 3.62 0.09 -3.12
C ARG A 10 4.91 0.38 -2.40
N GLN A 11 4.84 1.05 -1.28
CA GLN A 11 6.07 1.38 -0.49
C GLN A 11 7.23 0.38 -0.65
N ARG A 12 6.95 -0.88 -0.45
CA ARG A 12 8.07 -1.90 -0.60
C ARG A 12 8.12 -2.70 -1.92
N TYR A 13 7.25 -2.38 -2.83
CA TYR A 13 7.18 -3.07 -4.16
C TYR A 13 7.05 -2.09 -5.33
N ARG A 2 -11.48 4.87 2.60
CA ARG A 2 -11.95 4.44 1.26
C ARG A 2 -10.75 4.25 0.30
N HIS A 3 -9.76 3.58 0.81
CA HIS A 3 -8.50 3.30 0.05
C HIS A 3 -8.16 1.82 0.26
N TYR A 4 -7.10 1.36 -0.35
CA TYR A 4 -6.70 -0.07 -0.21
C TYR A 4 -5.22 -0.05 0.21
N LYS A 5 -4.80 -1.21 0.65
CA LYS A 5 -3.41 -1.48 1.12
C LYS A 5 -2.30 -0.74 0.36
N ASN A 6 -2.60 -0.42 -0.87
CA ASN A 6 -1.68 0.32 -1.79
C ASN A 6 -0.57 1.07 -1.08
N LEU A 7 -0.95 2.02 -0.28
CA LEU A 7 0.03 2.85 0.51
C LEU A 7 1.29 2.09 0.94
N ILE A 8 1.05 0.89 1.38
CA ILE A 8 2.15 -0.01 1.85
C ILE A 8 2.57 -0.88 0.69
N GLU A 9 1.57 -1.47 0.11
CA GLU A 9 1.74 -2.38 -1.06
C GLU A 9 2.48 -1.71 -2.23
N ARG A 10 2.61 -0.43 -2.12
CA ARG A 10 3.31 0.39 -3.15
C ARG A 10 4.69 0.63 -2.55
N GLN A 11 4.67 1.27 -1.42
CA GLN A 11 5.90 1.62 -0.64
C GLN A 11 6.93 0.47 -0.59
N ARG A 12 6.42 -0.71 -0.35
CA ARG A 12 7.29 -1.93 -0.25
C ARG A 12 7.35 -2.73 -1.56
N TYR A 13 7.05 -2.05 -2.64
CA TYR A 13 7.08 -2.71 -3.99
C TYR A 13 7.86 -1.81 -4.95
N ARG A 2 -7.77 6.78 -1.47
CA ARG A 2 -6.33 6.64 -1.12
C ARG A 2 -6.22 6.03 0.30
N HIS A 3 -7.13 5.17 0.63
CA HIS A 3 -7.15 4.51 1.97
C HIS A 3 -7.34 3.00 1.75
N TYR A 4 -6.45 2.45 0.97
CA TYR A 4 -6.47 0.99 0.63
C TYR A 4 -5.17 0.31 1.10
N LYS A 5 -4.77 -0.75 0.43
CA LYS A 5 -3.51 -1.46 0.84
C LYS A 5 -2.27 -0.81 0.18
N ASN A 6 -2.51 -0.30 -1.01
CA ASN A 6 -1.47 0.40 -1.84
C ASN A 6 -0.43 1.14 -1.02
N LEU A 7 -0.97 1.98 -0.18
CA LEU A 7 -0.17 2.83 0.76
C LEU A 7 1.12 2.14 1.18
N ILE A 8 0.96 0.88 1.54
CA ILE A 8 2.12 0.06 1.97
C ILE A 8 2.57 -0.84 0.83
N GLU A 9 1.60 -1.53 0.32
CA GLU A 9 1.79 -2.49 -0.82
C GLU A 9 2.61 -1.95 -2.00
N ARG A 10 2.61 -0.66 -2.12
CA ARG A 10 3.35 0.06 -3.21
C ARG A 10 4.65 0.58 -2.57
N GLN A 11 4.52 1.01 -1.34
CA GLN A 11 5.69 1.56 -0.57
C GLN A 11 6.82 0.54 -0.70
N ARG A 12 6.43 -0.69 -0.47
CA ARG A 12 7.38 -1.83 -0.55
C ARG A 12 7.58 -2.32 -2.00
N TYR A 13 7.81 -1.36 -2.84
CA TYR A 13 8.04 -1.62 -4.29
C TYR A 13 9.29 -0.81 -4.67
N ARG A 2 -13.07 -0.85 4.60
CA ARG A 2 -12.53 0.50 4.25
C ARG A 2 -11.15 0.67 4.88
N HIS A 3 -10.26 -0.13 4.40
CA HIS A 3 -8.85 -0.11 4.89
C HIS A 3 -8.00 0.34 3.68
N TYR A 4 -6.71 0.45 3.88
CA TYR A 4 -5.80 0.88 2.79
C TYR A 4 -4.66 -0.13 2.58
N LYS A 5 -4.57 -0.67 1.39
CA LYS A 5 -3.49 -1.67 1.08
C LYS A 5 -2.39 -0.91 0.32
N ASN A 6 -2.76 -0.45 -0.85
CA ASN A 6 -1.86 0.32 -1.77
C ASN A 6 -0.73 1.06 -1.08
N LEU A 7 -1.15 1.92 -0.19
CA LEU A 7 -0.25 2.78 0.65
C LEU A 7 1.08 2.08 0.95
N ILE A 8 0.96 0.84 1.31
CA ILE A 8 2.16 0.03 1.64
C ILE A 8 2.59 -0.83 0.46
N GLU A 9 1.62 -1.44 -0.14
CA GLU A 9 1.88 -2.34 -1.32
C GLU A 9 2.71 -1.65 -2.41
N ARG A 10 2.66 -0.34 -2.41
CA ARG A 10 3.42 0.48 -3.41
C ARG A 10 4.71 1.05 -2.77
N GLN A 11 4.79 0.98 -1.47
CA GLN A 11 5.98 1.50 -0.72
C GLN A 11 7.02 0.36 -0.56
N ARG A 12 6.54 -0.77 -0.10
CA ARG A 12 7.42 -1.95 0.13
C ARG A 12 7.39 -2.86 -1.10
N TYR A 13 7.56 -2.19 -2.19
CA TYR A 13 7.60 -2.85 -3.52
C TYR A 13 9.04 -2.79 -4.05
N ARG A 2 -6.74 7.43 7.90
CA ARG A 2 -7.52 6.73 6.83
C ARG A 2 -6.50 6.06 5.90
N HIS A 3 -6.08 4.89 6.32
CA HIS A 3 -5.09 4.11 5.53
C HIS A 3 -5.77 3.02 4.70
N TYR A 4 -5.04 2.56 3.71
CA TYR A 4 -5.52 1.50 2.79
C TYR A 4 -4.40 0.45 2.67
N LYS A 5 -4.52 -0.41 1.70
CA LYS A 5 -3.49 -1.48 1.49
C LYS A 5 -2.44 -0.98 0.47
N ASN A 6 -2.91 -0.65 -0.71
CA ASN A 6 -2.02 -0.14 -1.80
C ASN A 6 -0.86 0.73 -1.31
N LEU A 7 -1.22 1.70 -0.54
CA LEU A 7 -0.22 2.66 0.04
C LEU A 7 1.03 1.92 0.53
N ILE A 8 0.80 0.81 1.18
CA ILE A 8 1.93 0.00 1.71
C ILE A 8 2.48 -0.71 0.51
N GLU A 9 1.56 -1.34 -0.15
CA GLU A 9 1.82 -2.14 -1.40
C GLU A 9 2.80 -1.39 -2.34
N ARG A 10 2.77 -0.07 -2.25
CA ARG A 10 3.63 0.84 -3.07
C ARG A 10 4.99 1.20 -2.46
N GLN A 11 5.05 1.16 -1.17
CA GLN A 11 6.32 1.50 -0.47
C GLN A 11 7.15 0.23 -0.33
N ARG A 12 6.49 -0.91 -0.26
CA ARG A 12 7.25 -2.20 -0.14
C ARG A 12 7.30 -2.80 -1.56
N TYR A 13 7.58 -1.94 -2.50
CA TYR A 13 7.67 -2.34 -3.94
C TYR A 13 9.04 -1.90 -4.48
N ARG A 2 -7.33 -5.40 -1.68
CA ARG A 2 -6.78 -4.59 -2.82
C ARG A 2 -7.63 -3.34 -3.04
N HIS A 3 -7.87 -2.64 -1.97
CA HIS A 3 -8.68 -1.39 -2.02
C HIS A 3 -7.73 -0.22 -1.78
N TYR A 4 -7.37 0.00 -0.54
CA TYR A 4 -6.45 1.12 -0.22
C TYR A 4 -5.23 0.62 0.55
N LYS A 5 -4.93 -0.62 0.27
CA LYS A 5 -3.77 -1.28 0.92
C LYS A 5 -2.53 -0.60 0.32
N ASN A 6 -2.71 -0.21 -0.92
CA ASN A 6 -1.69 0.50 -1.77
C ASN A 6 -0.57 1.14 -0.95
N LEU A 7 -1.00 1.97 -0.05
CA LEU A 7 -0.08 2.71 0.87
C LEU A 7 1.20 1.95 1.23
N ILE A 8 1.00 0.69 1.51
CA ILE A 8 2.16 -0.18 1.90
C ILE A 8 2.60 -0.99 0.69
N GLU A 9 1.66 -1.74 0.22
CA GLU A 9 1.87 -2.63 -0.97
C GLU A 9 2.67 -1.99 -2.11
N ARG A 10 2.57 -0.70 -2.22
CA ARG A 10 3.30 0.07 -3.28
C ARG A 10 4.56 0.74 -2.73
N GLN A 11 4.60 0.97 -1.46
CA GLN A 11 5.79 1.64 -0.84
C GLN A 11 6.94 0.63 -0.83
N ARG A 12 6.65 -0.55 -0.33
CA ARG A 12 7.72 -1.60 -0.27
C ARG A 12 7.70 -2.41 -1.56
N TYR A 13 7.79 -1.65 -2.61
CA TYR A 13 7.79 -2.24 -3.98
C TYR A 13 8.93 -1.60 -4.81
N ARG A 2 -9.57 -4.56 2.29
CA ARG A 2 -10.10 -5.07 0.98
C ARG A 2 -9.05 -4.97 -0.15
N HIS A 3 -8.85 -3.79 -0.69
CA HIS A 3 -7.86 -3.60 -1.79
C HIS A 3 -7.32 -2.17 -1.62
N TYR A 4 -7.22 -1.73 -0.39
CA TYR A 4 -6.72 -0.36 -0.09
C TYR A 4 -5.44 -0.35 0.71
N LYS A 5 -4.73 -1.43 0.61
CA LYS A 5 -3.44 -1.50 1.36
C LYS A 5 -2.38 -0.79 0.51
N ASN A 6 -2.80 -0.40 -0.68
CA ASN A 6 -1.95 0.33 -1.68
C ASN A 6 -0.82 1.14 -1.04
N LEU A 7 -1.26 2.03 -0.19
CA LEU A 7 -0.37 2.96 0.57
C LEU A 7 0.95 2.29 0.95
N ILE A 8 0.81 1.07 1.36
CA ILE A 8 2.00 0.26 1.77
C ILE A 8 2.38 -0.67 0.63
N GLU A 9 1.39 -1.16 -0.03
CA GLU A 9 1.61 -2.09 -1.19
C GLU A 9 2.69 -1.61 -2.14
N ARG A 10 2.66 -0.34 -2.45
CA ARG A 10 3.68 0.21 -3.38
C ARG A 10 4.82 0.91 -2.64
N GLN A 11 4.90 0.63 -1.38
CA GLN A 11 5.96 1.22 -0.53
C GLN A 11 7.04 0.12 -0.67
N ARG A 12 6.69 -1.05 -0.20
CA ARG A 12 7.63 -2.22 -0.27
C ARG A 12 8.27 -2.35 -1.64
N TYR A 13 7.41 -2.10 -2.58
CA TYR A 13 7.75 -2.16 -4.02
C TYR A 13 7.18 -0.81 -4.51
N ARG A 2 -10.61 -3.16 -4.60
CA ARG A 2 -10.96 -1.86 -3.94
C ARG A 2 -10.45 -1.84 -2.49
N HIS A 3 -9.18 -2.08 -2.32
CA HIS A 3 -8.61 -2.09 -0.95
C HIS A 3 -7.59 -0.96 -0.77
N TYR A 4 -7.42 -0.57 0.47
CA TYR A 4 -6.46 0.53 0.81
C TYR A 4 -5.11 0.00 1.33
N LYS A 5 -4.74 -1.11 0.77
CA LYS A 5 -3.44 -1.77 1.15
C LYS A 5 -2.35 -0.92 0.45
N ASN A 6 -2.73 -0.50 -0.73
CA ASN A 6 -1.90 0.35 -1.64
C ASN A 6 -0.76 1.12 -0.98
N LEU A 7 -1.18 1.98 -0.09
CA LEU A 7 -0.29 2.87 0.71
C LEU A 7 1.07 2.24 1.00
N ILE A 8 0.98 1.00 1.37
CA ILE A 8 2.19 0.21 1.70
C ILE A 8 2.56 -0.70 0.53
N GLU A 9 1.53 -1.19 -0.07
CA GLU A 9 1.65 -2.11 -1.25
C GLU A 9 2.63 -1.57 -2.30
N ARG A 10 2.62 -0.27 -2.53
CA ARG A 10 3.55 0.34 -3.55
C ARG A 10 4.75 0.97 -2.82
N GLN A 11 4.80 0.78 -1.54
CA GLN A 11 5.89 1.33 -0.67
C GLN A 11 7.01 0.28 -0.55
N ARG A 12 6.62 -0.90 -0.15
CA ARG A 12 7.65 -1.99 0.01
C ARG A 12 7.61 -2.92 -1.21
N TYR A 13 7.72 -2.26 -2.31
CA TYR A 13 7.71 -2.92 -3.65
C TYR A 13 8.84 -2.30 -4.49
N ARG A 2 -5.17 -1.47 8.45
CA ARG A 2 -5.32 -2.10 7.12
C ARG A 2 -6.59 -1.59 6.45
N HIS A 3 -6.62 -0.29 6.34
CA HIS A 3 -7.77 0.42 5.72
C HIS A 3 -7.37 0.71 4.27
N TYR A 4 -6.10 0.97 4.10
CA TYR A 4 -5.54 1.27 2.77
C TYR A 4 -4.45 0.21 2.57
N LYS A 5 -4.45 -0.43 1.43
CA LYS A 5 -3.40 -1.48 1.16
C LYS A 5 -2.31 -0.90 0.27
N ASN A 6 -2.70 -0.40 -0.88
CA ASN A 6 -1.75 0.22 -1.86
C ASN A 6 -0.64 0.98 -1.14
N LEU A 7 -1.10 1.88 -0.31
CA LEU A 7 -0.24 2.77 0.54
C LEU A 7 1.04 2.03 1.00
N ILE A 8 0.82 0.79 1.35
CA ILE A 8 1.92 -0.09 1.83
C ILE A 8 2.47 -0.86 0.63
N GLU A 9 1.56 -1.51 -0.03
CA GLU A 9 1.84 -2.34 -1.24
C GLU A 9 2.83 -1.73 -2.26
N ARG A 10 2.75 -0.43 -2.43
CA ARG A 10 3.64 0.31 -3.40
C ARG A 10 4.81 1.01 -2.70
N GLN A 11 4.78 0.95 -1.40
CA GLN A 11 5.86 1.58 -0.58
C GLN A 11 6.88 0.42 -0.43
N ARG A 12 6.36 -0.77 -0.25
CA ARG A 12 7.22 -1.98 -0.11
C ARG A 12 7.53 -2.48 -1.55
N TYR A 13 7.97 -1.58 -2.38
CA TYR A 13 8.30 -1.95 -3.80
C TYR A 13 9.74 -1.56 -4.16
N ARG A 2 -13.56 2.92 2.44
CA ARG A 2 -12.97 2.61 3.78
C ARG A 2 -11.44 2.77 3.65
N HIS A 3 -10.72 1.70 3.48
CA HIS A 3 -9.23 1.81 3.34
C HIS A 3 -8.75 0.93 2.19
N TYR A 4 -7.50 1.07 1.84
CA TYR A 4 -6.89 0.29 0.75
C TYR A 4 -5.48 -0.06 1.27
N LYS A 5 -4.81 -0.93 0.56
CA LYS A 5 -3.45 -1.36 0.98
C LYS A 5 -2.30 -0.68 0.21
N ASN A 6 -2.63 -0.06 -0.90
CA ASN A 6 -1.61 0.66 -1.76
C ASN A 6 -0.51 1.27 -0.89
N LEU A 7 -0.96 2.02 0.09
CA LEU A 7 -0.05 2.72 1.06
C LEU A 7 1.24 1.94 1.33
N ILE A 8 1.06 0.67 1.53
CA ILE A 8 2.23 -0.21 1.80
C ILE A 8 2.60 -0.99 0.53
N GLU A 9 1.59 -1.65 0.05
CA GLU A 9 1.68 -2.49 -1.19
C GLU A 9 2.52 -1.90 -2.33
N ARG A 10 2.41 -0.62 -2.53
CA ARG A 10 3.21 0.03 -3.63
C ARG A 10 4.45 0.76 -3.06
N GLN A 11 4.53 0.83 -1.76
CA GLN A 11 5.65 1.50 -1.03
C GLN A 11 6.83 0.56 -0.67
N ARG A 12 6.51 -0.58 -0.10
CA ARG A 12 7.59 -1.56 0.28
C ARG A 12 7.93 -2.42 -0.93
N TYR A 13 6.96 -2.48 -1.78
CA TYR A 13 7.04 -3.26 -3.05
C TYR A 13 6.75 -2.22 -4.16
N ARG A 2 -1.85 3.18 7.91
CA ARG A 2 -2.01 2.52 6.58
C ARG A 2 -3.49 2.34 6.22
N HIS A 3 -4.16 3.45 6.15
CA HIS A 3 -5.62 3.50 5.81
C HIS A 3 -6.14 2.42 4.82
N TYR A 4 -5.43 2.25 3.74
CA TYR A 4 -5.80 1.25 2.69
C TYR A 4 -4.67 0.25 2.47
N LYS A 5 -4.75 -0.44 1.37
CA LYS A 5 -3.73 -1.46 1.00
C LYS A 5 -2.60 -0.77 0.22
N ASN A 6 -2.86 -0.38 -1.02
CA ASN A 6 -1.82 0.33 -1.87
C ASN A 6 -0.70 1.03 -1.11
N LEU A 7 -1.16 1.85 -0.20
CA LEU A 7 -0.28 2.67 0.69
C LEU A 7 1.05 1.99 1.02
N ILE A 8 0.93 0.73 1.36
CA ILE A 8 2.15 -0.06 1.72
C ILE A 8 2.58 -0.90 0.53
N GLU A 9 1.60 -1.56 0.00
CA GLU A 9 1.80 -2.48 -1.18
C GLU A 9 2.69 -1.81 -2.25
N ARG A 10 2.66 -0.50 -2.25
CA ARG A 10 3.47 0.30 -3.22
C ARG A 10 4.76 0.89 -2.60
N GLN A 11 4.83 1.05 -1.30
CA GLN A 11 6.09 1.63 -0.70
C GLN A 11 7.14 0.52 -0.69
N ARG A 12 6.74 -0.64 -0.24
CA ARG A 12 7.72 -1.76 -0.20
C ARG A 12 7.44 -2.66 -1.41
N TYR A 13 7.65 -2.04 -2.52
CA TYR A 13 7.45 -2.69 -3.85
C TYR A 13 8.78 -2.55 -4.62
N ARG A 2 -12.27 1.93 4.25
CA ARG A 2 -12.18 1.26 5.59
C ARG A 2 -10.69 1.12 5.92
N HIS A 3 -10.00 0.38 5.11
CA HIS A 3 -8.55 0.17 5.30
C HIS A 3 -7.89 0.65 4.01
N TYR A 4 -6.61 0.87 4.07
CA TYR A 4 -5.86 1.33 2.89
C TYR A 4 -4.75 0.30 2.70
N LYS A 5 -4.72 -0.36 1.57
CA LYS A 5 -3.66 -1.38 1.33
C LYS A 5 -2.55 -0.76 0.45
N ASN A 6 -2.95 -0.32 -0.73
CA ASN A 6 -2.02 0.33 -1.71
C ASN A 6 -0.77 0.96 -1.08
N LEU A 7 -1.07 1.89 -0.21
CA LEU A 7 -0.05 2.66 0.56
C LEU A 7 1.23 1.86 0.82
N ILE A 8 1.02 0.64 1.23
CA ILE A 8 2.16 -0.28 1.54
C ILE A 8 2.54 -1.04 0.28
N GLU A 9 1.51 -1.56 -0.31
CA GLU A 9 1.59 -2.36 -1.59
C GLU A 9 2.63 -1.75 -2.54
N ARG A 10 2.61 -0.44 -2.60
CA ARG A 10 3.54 0.36 -3.47
C ARG A 10 4.75 0.98 -2.74
N GLN A 11 4.75 0.91 -1.44
CA GLN A 11 5.92 1.49 -0.67
C GLN A 11 6.99 0.41 -0.48
N ARG A 12 6.55 -0.68 0.06
CA ARG A 12 7.45 -1.85 0.32
C ARG A 12 8.25 -2.17 -0.96
N TYR A 13 7.48 -2.03 -1.99
CA TYR A 13 7.92 -2.26 -3.39
C TYR A 13 7.69 -0.92 -4.10
#